data_7ZL5
#
_entry.id   7ZL5
#
_cell.length_a   63.230
_cell.length_b   71.780
_cell.length_c   120.940
_cell.angle_alpha   90.000
_cell.angle_beta   90.000
_cell.angle_gamma   90.000
#
_symmetry.space_group_name_H-M   'P 21 21 21'
#
loop_
_entity.id
_entity.type
_entity.pdbx_description
1 polymer 'Carbonic anhydrase 1'
2 non-polymer 'ZINC ION'
3 non-polymer 'DIMETHYL SULFOXIDE'
4 non-polymer Azosemide
5 water water
#
_entity_poly.entity_id   1
_entity_poly.type   'polypeptide(L)'
_entity_poly.pdbx_seq_one_letter_code
;MASPDWGYDDKNGPEQWSKLYPIANGNNQSPVDIKTSETKHDTSLKPISVSYNPATAKEIINVGHSFHVNFEDNDNRSVL
KGGPFSDSYRLFQFHFHWGSTNEHGSEHTVDGVKYSAELHVAHWNSAKYSSLAEAASKADGLAVIGVLMKVGEANPKLQK
VLDALQAIKTKGKRAPFTNFDPSTLLPSSLDFWTYPGSLTHPPLYESVTWIICKESISVSSEQLAQFRSLLSNVEGDNAV
PMQHNNRPTQPLKGRTVRASF
;
_entity_poly.pdbx_strand_id   AAA,BBB
#
loop_
_chem_comp.id
_chem_comp.type
_chem_comp.name
_chem_comp.formula
DMS non-polymer 'DIMETHYL SULFOXIDE' 'C2 H6 O S'
IWE non-polymer Azosemide 'C12 H11 Cl N6 O2 S2'
ZN non-polymer 'ZINC ION' 'Zn 2'
#
# COMPACT_ATOMS: atom_id res chain seq x y z
N TRP A 6 17.81 -10.74 -8.04
CA TRP A 6 16.74 -11.21 -9.02
C TRP A 6 15.40 -10.59 -8.64
N GLY A 7 14.62 -10.22 -9.65
CA GLY A 7 13.30 -9.60 -9.46
C GLY A 7 12.48 -9.76 -10.71
N TYR A 8 11.58 -8.82 -10.94
CA TYR A 8 10.64 -8.81 -12.06
C TYR A 8 10.75 -7.46 -12.77
N ASP A 9 11.84 -6.71 -12.54
CA ASP A 9 12.15 -5.45 -13.29
C ASP A 9 12.75 -5.84 -14.65
N ASP A 10 13.05 -4.87 -15.52
CA ASP A 10 13.51 -5.15 -16.91
C ASP A 10 14.93 -5.72 -16.88
N LYS A 11 15.75 -5.33 -15.90
CA LYS A 11 17.19 -5.69 -15.91
C LYS A 11 17.49 -6.87 -14.98
N ASN A 12 16.54 -7.30 -14.14
CA ASN A 12 16.78 -8.46 -13.24
C ASN A 12 15.63 -9.48 -13.33
N GLY A 13 14.81 -9.39 -14.37
CA GLY A 13 13.50 -10.07 -14.41
C GLY A 13 13.55 -11.33 -15.25
N PRO A 14 12.38 -11.97 -15.48
CA PRO A 14 12.30 -13.22 -16.24
C PRO A 14 13.10 -13.27 -17.55
N GLU A 15 13.21 -12.15 -18.27
CA GLU A 15 13.92 -12.11 -19.59
C GLU A 15 15.44 -12.11 -19.37
N GLN A 16 15.92 -11.75 -18.17
CA GLN A 16 17.35 -11.63 -17.80
C GLN A 16 17.85 -12.90 -17.08
N TRP A 17 16.95 -13.74 -16.54
CA TRP A 17 17.36 -14.92 -15.72
C TRP A 17 18.28 -15.88 -16.50
N SER A 18 18.09 -16.05 -17.81
CA SER A 18 18.78 -17.06 -18.65
C SER A 18 20.30 -16.81 -18.71
N LYS A 19 20.77 -15.61 -18.36
CA LYS A 19 22.23 -15.29 -18.43
C LYS A 19 23.01 -16.05 -17.33
N LEU A 20 22.45 -16.21 -16.12
CA LEU A 20 23.11 -17.01 -15.05
C LEU A 20 22.40 -18.36 -14.91
N TYR A 21 21.16 -18.47 -15.43
CA TYR A 21 20.37 -19.74 -15.33
C TYR A 21 19.89 -20.14 -16.71
N PRO A 22 20.77 -20.71 -17.56
CA PRO A 22 20.37 -21.09 -18.91
C PRO A 22 19.28 -22.18 -18.96
N ILE A 23 19.04 -22.89 -17.85
CA ILE A 23 17.89 -23.85 -17.74
C ILE A 23 16.58 -23.06 -17.98
N ALA A 24 16.59 -21.71 -17.90
CA ALA A 24 15.37 -20.89 -18.13
C ALA A 24 14.77 -21.25 -19.50
N ASN A 25 15.62 -21.66 -20.45
CA ASN A 25 15.22 -22.03 -21.85
C ASN A 25 15.18 -23.56 -21.99
N GLY A 26 15.04 -24.29 -20.88
CA GLY A 26 14.99 -25.76 -20.87
C GLY A 26 13.67 -26.35 -21.33
N ASN A 27 13.53 -27.66 -21.19
CA ASN A 27 12.36 -28.41 -21.72
C ASN A 27 11.30 -28.69 -20.66
N ASN A 28 11.54 -28.34 -19.38
CA ASN A 28 10.59 -28.68 -18.30
C ASN A 28 10.34 -27.43 -17.47
N GLN A 29 10.20 -26.27 -18.12
CA GLN A 29 10.07 -24.98 -17.40
C GLN A 29 8.59 -24.70 -17.08
N SER A 30 8.40 -23.93 -16.02
CA SER A 30 7.08 -23.59 -15.43
C SER A 30 7.03 -22.08 -15.26
N PRO A 31 5.84 -21.44 -15.26
CA PRO A 31 4.55 -22.10 -15.41
C PRO A 31 4.21 -22.35 -16.89
N VAL A 32 3.07 -22.98 -17.13
CA VAL A 32 2.58 -23.31 -18.49
C VAL A 32 1.14 -22.83 -18.62
N ASP A 33 0.69 -22.76 -19.88
CA ASP A 33 -0.75 -22.66 -20.19
C ASP A 33 -1.29 -24.07 -20.29
N ILE A 34 -2.34 -24.36 -19.56
CA ILE A 34 -2.99 -25.69 -19.58
C ILE A 34 -4.11 -25.61 -20.62
N LYS A 35 -3.94 -26.33 -21.73
CA LYS A 35 -5.02 -26.43 -22.77
C LYS A 35 -5.86 -27.67 -22.47
N THR A 36 -7.13 -27.51 -22.09
CA THR A 36 -7.94 -28.59 -21.51
C THR A 36 -8.30 -29.62 -22.60
N SER A 37 -8.28 -29.22 -23.88
CA SER A 37 -8.57 -30.16 -25.01
C SER A 37 -7.39 -31.14 -25.19
N GLU A 38 -6.21 -30.77 -24.69
CA GLU A 38 -4.94 -31.52 -24.92
C GLU A 38 -4.50 -32.27 -23.66
N THR A 39 -5.25 -32.17 -22.56
CA THR A 39 -4.94 -32.91 -21.32
C THR A 39 -5.30 -34.37 -21.51
N LYS A 40 -4.64 -35.26 -20.77
CA LYS A 40 -4.94 -36.72 -20.84
C LYS A 40 -5.40 -37.18 -19.48
N HIS A 41 -6.65 -37.61 -19.42
CA HIS A 41 -7.23 -38.19 -18.19
C HIS A 41 -6.44 -39.44 -17.87
N ASP A 42 -5.91 -39.50 -16.66
CA ASP A 42 -5.08 -40.61 -16.16
C ASP A 42 -5.84 -41.25 -14.99
N THR A 43 -6.29 -42.48 -15.23
CA THR A 43 -7.06 -43.30 -14.28
C THR A 43 -6.21 -43.69 -13.05
N SER A 44 -4.88 -43.76 -13.18
CA SER A 44 -3.95 -44.21 -12.11
C SER A 44 -3.74 -43.09 -11.06
N LEU A 45 -4.06 -41.83 -11.38
CA LEU A 45 -3.92 -40.71 -10.40
C LEU A 45 -4.87 -40.93 -9.23
N LYS A 46 -4.32 -40.94 -8.02
CA LYS A 46 -5.12 -41.05 -6.78
C LYS A 46 -5.50 -39.67 -6.27
N PRO A 47 -6.48 -39.56 -5.38
CA PRO A 47 -6.83 -38.28 -4.77
C PRO A 47 -5.59 -37.70 -4.07
N ILE A 48 -5.43 -36.39 -4.12
CA ILE A 48 -4.51 -35.63 -3.24
C ILE A 48 -4.99 -35.76 -1.79
N SER A 49 -4.06 -36.06 -0.89
CA SER A 49 -4.29 -36.10 0.56
C SER A 49 -3.31 -35.12 1.20
N VAL A 50 -3.82 -34.07 1.84
CA VAL A 50 -2.97 -33.19 2.68
C VAL A 50 -3.34 -33.32 4.15
N SER A 51 -2.33 -33.34 4.98
CA SER A 51 -2.49 -33.45 6.44
C SER A 51 -1.41 -32.58 7.06
N TYR A 52 -1.77 -31.34 7.39
CA TYR A 52 -0.79 -30.37 7.91
C TYR A 52 -1.07 -30.05 9.37
N ASN A 53 -0.01 -29.97 10.17
CA ASN A 53 -0.12 -29.64 11.61
C ASN A 53 0.10 -28.13 11.79
N PRO A 54 -0.86 -27.36 12.35
CA PRO A 54 -0.73 -25.91 12.43
C PRO A 54 0.52 -25.50 13.25
N ALA A 55 0.96 -26.38 14.14
CA ALA A 55 2.16 -26.13 14.97
C ALA A 55 3.42 -26.02 14.11
N THR A 56 3.43 -26.49 12.86
CA THR A 56 4.66 -26.43 12.02
C THR A 56 4.82 -25.06 11.41
N ALA A 57 3.81 -24.19 11.41
CA ALA A 57 3.99 -22.80 10.93
C ALA A 57 5.10 -22.13 11.74
N LYS A 58 6.05 -21.51 11.07
CA LYS A 58 7.24 -20.93 11.73
C LYS A 58 7.34 -19.42 11.59
N GLU A 59 7.40 -18.88 10.37
CA GLU A 59 7.93 -17.54 10.11
C GLU A 59 7.37 -16.99 8.78
N ILE A 60 7.19 -15.69 8.73
CA ILE A 60 6.86 -14.95 7.49
C ILE A 60 7.97 -13.96 7.17
N ILE A 61 8.43 -13.95 5.95
CA ILE A 61 9.64 -13.22 5.51
C ILE A 61 9.39 -12.43 4.25
N ASN A 62 9.81 -11.18 4.26
CA ASN A 62 9.86 -10.37 3.04
C ASN A 62 11.15 -10.66 2.29
N VAL A 63 11.05 -11.23 1.09
CA VAL A 63 12.22 -11.66 0.27
C VAL A 63 12.50 -10.67 -0.85
N GLY A 64 11.94 -9.47 -0.78
CA GLY A 64 12.23 -8.45 -1.79
C GLY A 64 11.28 -8.46 -2.97
N HIS A 65 11.12 -9.59 -3.65
CA HIS A 65 10.21 -9.71 -4.80
C HIS A 65 8.89 -10.36 -4.38
N SER A 66 8.82 -10.88 -3.17
CA SER A 66 7.63 -11.58 -2.66
C SER A 66 7.70 -11.69 -1.15
N PHE A 67 6.82 -12.46 -0.53
CA PHE A 67 6.92 -12.87 0.87
C PHE A 67 6.68 -14.36 0.90
N HIS A 68 7.32 -15.00 1.85
CA HIS A 68 7.23 -16.46 2.06
C HIS A 68 6.76 -16.74 3.47
N VAL A 69 5.93 -17.75 3.61
CA VAL A 69 5.55 -18.28 4.94
C VAL A 69 6.22 -19.65 5.01
N ASN A 70 7.18 -19.80 5.92
CA ASN A 70 7.97 -21.04 6.03
C ASN A 70 7.47 -21.86 7.21
N PHE A 71 7.68 -23.17 7.12
CA PHE A 71 7.25 -24.19 8.06
C PHE A 71 8.45 -24.96 8.58
N GLU A 72 8.36 -25.38 9.85
CA GLU A 72 9.31 -26.35 10.42
C GLU A 72 9.23 -27.61 9.57
N ASP A 73 10.37 -28.11 9.06
CA ASP A 73 10.35 -29.31 8.21
C ASP A 73 11.37 -30.35 8.72
N ASN A 74 11.52 -30.45 10.05
CA ASN A 74 12.42 -31.47 10.66
C ASN A 74 11.77 -32.85 10.72
N ASP A 75 10.46 -32.96 10.54
CA ASP A 75 9.75 -34.25 10.62
C ASP A 75 8.50 -34.22 9.76
N ASN A 76 7.75 -35.31 9.76
CA ASN A 76 6.60 -35.51 8.85
C ASN A 76 5.31 -35.08 9.55
N ARG A 77 5.31 -34.01 10.35
CA ARG A 77 4.02 -33.56 10.94
C ARG A 77 3.07 -33.06 9.86
N SER A 78 3.62 -32.53 8.76
CA SER A 78 2.83 -31.87 7.70
C SER A 78 3.22 -32.43 6.34
N VAL A 79 2.31 -33.21 5.75
CA VAL A 79 2.65 -34.01 4.56
C VAL A 79 1.56 -33.94 3.48
N LEU A 80 2.05 -34.03 2.25
CA LEU A 80 1.25 -34.30 1.03
C LEU A 80 1.50 -35.73 0.56
N LYS A 81 0.41 -36.43 0.23
CA LYS A 81 0.51 -37.76 -0.42
C LYS A 81 -0.59 -37.92 -1.48
N GLY A 82 -0.52 -39.00 -2.24
CA GLY A 82 -1.53 -39.28 -3.26
C GLY A 82 -1.19 -38.64 -4.57
N GLY A 83 -2.23 -38.32 -5.33
CA GLY A 83 -2.11 -37.81 -6.70
C GLY A 83 -1.20 -38.74 -7.50
N PRO A 84 -0.13 -38.21 -8.10
CA PRO A 84 0.78 -38.98 -8.93
C PRO A 84 1.89 -39.64 -8.10
N PHE A 85 1.88 -39.48 -6.77
CA PHE A 85 3.04 -39.80 -5.91
C PHE A 85 2.89 -41.16 -5.21
N SER A 86 4.02 -41.87 -5.05
CA SER A 86 4.18 -43.00 -4.11
C SER A 86 4.83 -42.56 -2.81
N ASP A 87 5.66 -41.52 -2.89
CA ASP A 87 6.45 -40.94 -1.77
C ASP A 87 5.57 -39.89 -1.06
N SER A 88 5.77 -39.75 0.24
CA SER A 88 5.19 -38.66 1.05
C SER A 88 6.06 -37.41 0.85
N TYR A 89 5.46 -36.23 0.69
CA TYR A 89 6.21 -34.97 0.59
C TYR A 89 5.92 -34.11 1.83
N ARG A 90 6.96 -33.43 2.30
CA ARG A 90 6.97 -32.65 3.55
C ARG A 90 6.73 -31.17 3.21
N LEU A 91 5.71 -30.58 3.80
CA LEU A 91 5.41 -29.14 3.62
C LEU A 91 6.59 -28.32 4.06
N PHE A 92 7.00 -27.30 3.31
CA PHE A 92 8.01 -26.38 3.83
C PHE A 92 7.66 -24.90 3.69
N GLN A 93 6.77 -24.53 2.77
CA GLN A 93 6.51 -23.10 2.49
C GLN A 93 5.17 -22.95 1.77
N PHE A 94 4.53 -21.81 1.95
CA PHE A 94 3.58 -21.30 0.93
C PHE A 94 3.88 -19.87 0.62
N HIS A 95 3.47 -19.45 -0.58
CA HIS A 95 3.56 -18.05 -0.99
C HIS A 95 2.53 -17.76 -2.09
N PHE A 96 2.52 -16.52 -2.56
CA PHE A 96 1.59 -16.10 -3.62
C PHE A 96 2.37 -15.46 -4.76
N HIS A 97 1.75 -15.41 -5.93
CA HIS A 97 2.20 -14.57 -7.05
C HIS A 97 0.99 -13.66 -7.38
N TRP A 98 1.29 -12.45 -7.80
CA TRP A 98 0.25 -11.49 -8.25
C TRP A 98 0.80 -10.63 -9.38
N GLY A 99 -0.08 -9.82 -9.95
CA GLY A 99 0.26 -8.96 -11.10
C GLY A 99 0.02 -7.48 -10.75
N SER A 100 0.40 -6.57 -11.66
CA SER A 100 0.31 -5.10 -11.42
C SER A 100 -1.16 -4.65 -11.33
N THR A 101 -2.05 -5.34 -12.04
CA THR A 101 -3.51 -5.07 -11.98
C THR A 101 -4.26 -6.40 -11.86
N ASN A 102 -5.58 -6.33 -11.67
CA ASN A 102 -6.39 -7.56 -11.46
C ASN A 102 -6.41 -8.42 -12.74
N GLU A 103 -6.09 -7.86 -13.89
CA GLU A 103 -6.21 -8.52 -15.19
C GLU A 103 -5.23 -9.70 -15.34
N HIS A 104 -4.17 -9.74 -14.53
CA HIS A 104 -3.18 -10.83 -14.70
C HIS A 104 -2.55 -11.00 -13.33
N GLY A 105 -1.76 -12.00 -13.13
CA GLY A 105 -1.04 -12.13 -11.85
C GLY A 105 -0.86 -13.59 -11.54
N SER A 106 -1.74 -14.49 -12.01
CA SER A 106 -1.43 -15.94 -11.90
C SER A 106 -0.17 -16.25 -12.73
N GLU A 107 0.46 -17.37 -12.42
CA GLU A 107 1.56 -17.94 -13.22
C GLU A 107 1.00 -18.91 -14.23
N HIS A 108 0.37 -19.98 -13.78
CA HIS A 108 -0.36 -20.89 -14.70
C HIS A 108 -1.54 -20.11 -15.30
N THR A 109 -1.89 -20.49 -16.52
CA THR A 109 -3.14 -20.07 -17.20
C THR A 109 -3.90 -21.33 -17.59
N VAL A 110 -5.19 -21.16 -17.83
CA VAL A 110 -6.05 -22.29 -18.26
C VAL A 110 -6.80 -21.86 -19.52
N ASP A 111 -6.49 -22.51 -20.62
CA ASP A 111 -7.12 -22.17 -21.92
C ASP A 111 -6.85 -20.68 -22.18
N GLY A 112 -5.63 -20.20 -21.89
CA GLY A 112 -5.20 -18.81 -22.09
C GLY A 112 -5.76 -17.79 -21.12
N VAL A 113 -6.62 -18.20 -20.18
CA VAL A 113 -7.22 -17.30 -19.19
C VAL A 113 -6.25 -17.05 -18.03
N LYS A 114 -5.98 -15.80 -17.77
CA LYS A 114 -5.07 -15.30 -16.71
C LYS A 114 -5.94 -14.98 -15.50
N TYR A 115 -5.57 -15.42 -14.31
CA TYR A 115 -6.26 -15.08 -13.06
C TYR A 115 -5.48 -13.96 -12.38
N SER A 116 -6.00 -13.46 -11.26
CA SER A 116 -5.45 -12.26 -10.58
C SER A 116 -4.26 -12.65 -9.70
N ALA A 117 -4.21 -13.89 -9.21
CA ALA A 117 -3.08 -14.29 -8.37
C ALA A 117 -3.00 -15.81 -8.34
N GLU A 118 -2.02 -16.35 -7.64
CA GLU A 118 -1.85 -17.83 -7.57
C GLU A 118 -1.21 -18.18 -6.23
N LEU A 119 -1.76 -19.14 -5.52
CA LEU A 119 -1.14 -19.69 -4.28
C LEU A 119 -0.27 -20.87 -4.66
N HIS A 120 0.94 -20.95 -4.12
CA HIS A 120 1.88 -22.10 -4.22
C HIS A 120 2.09 -22.67 -2.81
N VAL A 121 1.87 -23.97 -2.67
CA VAL A 121 2.11 -24.69 -1.38
C VAL A 121 3.18 -25.73 -1.72
N ALA A 122 4.40 -25.57 -1.21
CA ALA A 122 5.61 -26.28 -1.68
C ALA A 122 6.08 -27.33 -0.64
N HIS A 123 6.50 -28.46 -1.15
CA HIS A 123 6.84 -29.67 -0.34
C HIS A 123 8.08 -30.32 -0.94
N TRP A 124 8.85 -31.05 -0.13
CA TRP A 124 10.05 -31.76 -0.62
C TRP A 124 9.94 -33.23 -0.23
N ASN A 125 10.59 -34.07 -1.02
CA ASN A 125 10.47 -35.57 -0.94
C ASN A 125 11.32 -36.10 0.21
N SER A 126 10.70 -36.29 1.37
CA SER A 126 11.38 -36.75 2.61
C SER A 126 11.44 -38.28 2.62
N ALA A 127 10.80 -38.96 1.67
CA ALA A 127 10.89 -40.44 1.56
C ALA A 127 12.26 -40.80 0.98
N LYS A 128 12.76 -40.00 0.04
CA LYS A 128 13.96 -40.30 -0.78
C LYS A 128 15.14 -39.47 -0.32
N TYR A 129 14.93 -38.25 0.20
CA TYR A 129 16.00 -37.31 0.55
C TYR A 129 15.88 -36.91 2.02
N SER A 130 16.96 -36.38 2.60
CA SER A 130 16.94 -36.02 4.04
C SER A 130 16.95 -34.51 4.25
N SER A 131 16.90 -33.66 3.21
CA SER A 131 16.81 -32.21 3.40
C SER A 131 16.22 -31.57 2.15
N LEU A 132 15.66 -30.38 2.31
CA LEU A 132 15.27 -29.54 1.16
C LEU A 132 16.48 -29.29 0.27
N ALA A 133 17.64 -28.98 0.84
CA ALA A 133 18.82 -28.66 -0.01
C ALA A 133 19.17 -29.85 -0.91
N GLU A 134 19.08 -31.09 -0.42
CA GLU A 134 19.34 -32.29 -1.24
C GLU A 134 18.24 -32.46 -2.29
N ALA A 135 16.98 -32.31 -1.88
CA ALA A 135 15.80 -32.56 -2.73
C ALA A 135 15.71 -31.52 -3.87
N ALA A 136 16.20 -30.30 -3.67
CA ALA A 136 15.84 -29.11 -4.49
C ALA A 136 16.14 -29.35 -5.96
N SER A 137 17.22 -30.05 -6.28
CA SER A 137 17.69 -30.16 -7.68
C SER A 137 17.25 -31.50 -8.27
N LYS A 138 16.56 -32.36 -7.54
CA LYS A 138 16.24 -33.73 -8.01
C LYS A 138 14.92 -33.69 -8.77
N ALA A 139 14.83 -34.45 -9.84
CA ALA A 139 13.66 -34.47 -10.73
C ALA A 139 12.42 -34.80 -9.91
N ASP A 140 12.54 -35.67 -8.90
CA ASP A 140 11.45 -36.10 -8.01
C ASP A 140 11.50 -35.36 -6.66
N GLY A 141 12.20 -34.23 -6.57
CA GLY A 141 12.55 -33.61 -5.29
C GLY A 141 11.42 -32.79 -4.69
N LEU A 142 10.66 -32.05 -5.51
CA LEU A 142 9.69 -31.04 -5.03
C LEU A 142 8.28 -31.33 -5.56
N ALA A 143 7.27 -30.96 -4.78
CA ALA A 143 5.86 -31.06 -5.16
C ALA A 143 5.20 -29.75 -4.79
N VAL A 144 4.62 -29.03 -5.76
CA VAL A 144 3.97 -27.74 -5.46
C VAL A 144 2.52 -27.81 -5.88
N ILE A 145 1.60 -27.54 -4.97
CA ILE A 145 0.17 -27.33 -5.26
C ILE A 145 0.03 -25.88 -5.70
N GLY A 146 -0.59 -25.66 -6.86
CA GLY A 146 -0.97 -24.32 -7.32
C GLY A 146 -2.46 -24.16 -7.31
N VAL A 147 -2.91 -23.01 -6.82
CA VAL A 147 -4.35 -22.67 -6.74
C VAL A 147 -4.52 -21.31 -7.41
N LEU A 148 -5.34 -21.27 -8.46
CA LEU A 148 -5.63 -20.01 -9.16
C LEU A 148 -6.58 -19.19 -8.32
N MET A 149 -6.29 -17.90 -8.25
CA MET A 149 -7.07 -16.96 -7.40
C MET A 149 -7.82 -15.96 -8.27
N LYS A 150 -9.14 -16.03 -8.22
CA LYS A 150 -10.02 -15.24 -9.09
C LYS A 150 -10.56 -14.04 -8.32
N VAL A 151 -10.39 -12.87 -8.89
CA VAL A 151 -10.81 -11.63 -8.18
C VAL A 151 -12.33 -11.68 -8.02
N GLY A 152 -12.80 -11.36 -6.82
CA GLY A 152 -14.24 -11.33 -6.51
C GLY A 152 -14.43 -11.07 -5.05
N GLU A 153 -15.11 -11.94 -4.34
CA GLU A 153 -15.43 -11.72 -2.92
C GLU A 153 -14.13 -11.82 -2.11
N ALA A 154 -14.05 -11.03 -1.05
CA ALA A 154 -12.96 -11.13 -0.06
C ALA A 154 -12.91 -12.53 0.48
N ASN A 155 -11.71 -13.07 0.65
CA ASN A 155 -11.50 -14.44 1.15
C ASN A 155 -11.11 -14.38 2.61
N PRO A 156 -11.99 -14.74 3.56
CA PRO A 156 -11.64 -14.58 4.97
C PRO A 156 -10.49 -15.50 5.41
N LYS A 157 -10.21 -16.57 4.67
CA LYS A 157 -9.15 -17.54 5.02
C LYS A 157 -7.78 -16.88 4.85
N LEU A 158 -7.66 -15.79 4.12
CA LEU A 158 -6.37 -15.06 3.94
C LEU A 158 -6.04 -14.15 5.14
N GLN A 159 -6.96 -13.99 6.09
CA GLN A 159 -6.93 -12.84 7.04
C GLN A 159 -5.63 -12.87 7.85
N LYS A 160 -5.25 -14.03 8.38
CA LYS A 160 -4.07 -14.09 9.30
C LYS A 160 -2.85 -13.73 8.47
N VAL A 161 -2.80 -14.20 7.21
CA VAL A 161 -1.66 -13.88 6.33
C VAL A 161 -1.59 -12.37 6.08
N LEU A 162 -2.72 -11.74 5.70
CA LEU A 162 -2.76 -10.28 5.41
C LEU A 162 -2.47 -9.44 6.66
N ASP A 163 -2.98 -9.84 7.82
CA ASP A 163 -2.77 -9.15 9.11
C ASP A 163 -1.27 -9.17 9.47
N ALA A 164 -0.50 -10.16 8.99
CA ALA A 164 0.93 -10.32 9.34
C ALA A 164 1.80 -9.35 8.54
N LEU A 165 1.38 -8.87 7.37
CA LEU A 165 2.23 -8.15 6.39
C LEU A 165 2.74 -6.83 7.00
N GLN A 166 2.00 -6.24 7.94
CA GLN A 166 2.38 -4.91 8.49
C GLN A 166 3.71 -5.05 9.25
N ALA A 167 4.09 -6.25 9.71
CA ALA A 167 5.36 -6.46 10.46
C ALA A 167 6.49 -6.85 9.53
N ILE A 168 6.25 -6.98 8.23
CA ILE A 168 7.34 -7.37 7.29
C ILE A 168 7.24 -6.50 6.06
N LYS A 169 7.09 -5.18 6.26
CA LYS A 169 6.77 -4.29 5.14
C LYS A 169 7.92 -4.15 4.16
N THR A 170 9.18 -4.19 4.64
CA THR A 170 10.40 -3.95 3.82
C THR A 170 11.29 -5.21 3.71
N LYS A 171 12.10 -5.18 2.68
CA LYS A 171 12.96 -6.31 2.29
C LYS A 171 13.80 -6.76 3.49
N GLY A 172 13.76 -8.05 3.80
CA GLY A 172 14.57 -8.69 4.84
C GLY A 172 13.88 -8.75 6.17
N LYS A 173 12.76 -8.05 6.40
CA LYS A 173 12.06 -8.20 7.66
C LYS A 173 11.44 -9.57 7.71
N ARG A 174 11.36 -10.12 8.91
CA ARG A 174 10.86 -11.45 9.18
C ARG A 174 10.20 -11.39 10.54
N ALA A 175 9.19 -12.20 10.74
CA ALA A 175 8.43 -12.27 11.99
C ALA A 175 7.95 -13.68 12.22
N PRO A 176 7.73 -14.11 13.48
CA PRO A 176 7.08 -15.38 13.77
C PRO A 176 5.69 -15.42 13.15
N PHE A 177 5.30 -16.59 12.67
CA PHE A 177 3.98 -16.82 12.02
C PHE A 177 3.65 -18.24 12.41
N THR A 178 2.75 -18.39 13.38
CA THR A 178 2.53 -19.67 14.08
C THR A 178 1.07 -20.08 14.07
N ASN A 179 0.86 -21.37 14.29
CA ASN A 179 -0.48 -21.96 14.50
C ASN A 179 -1.38 -21.66 13.29
N PHE A 180 -0.95 -22.11 12.13
CA PHE A 180 -1.67 -21.90 10.85
C PHE A 180 -1.56 -23.17 10.01
N ASP A 181 -2.71 -23.68 9.56
CA ASP A 181 -2.82 -24.86 8.67
C ASP A 181 -3.18 -24.36 7.27
N PRO A 182 -2.24 -24.31 6.30
CA PRO A 182 -2.54 -23.73 4.99
C PRO A 182 -3.47 -24.60 4.14
N SER A 183 -3.85 -25.77 4.59
CA SER A 183 -4.90 -26.56 3.90
C SER A 183 -6.21 -25.80 3.97
N THR A 184 -6.39 -24.90 4.91
CA THR A 184 -7.59 -24.01 4.98
C THR A 184 -7.68 -23.09 3.75
N LEU A 185 -6.59 -22.91 2.98
CA LEU A 185 -6.61 -22.00 1.81
C LEU A 185 -7.00 -22.76 0.53
N LEU A 186 -6.96 -24.08 0.55
CA LEU A 186 -7.25 -24.89 -0.64
C LEU A 186 -8.74 -24.85 -0.96
N PRO A 187 -9.08 -25.02 -2.26
CA PRO A 187 -10.49 -25.10 -2.66
C PRO A 187 -11.13 -26.36 -2.06
N SER A 188 -12.47 -26.44 -2.12
CA SER A 188 -13.20 -27.59 -1.54
C SER A 188 -12.98 -28.85 -2.39
N SER A 189 -12.93 -28.74 -3.71
CA SER A 189 -12.57 -29.86 -4.62
C SER A 189 -11.07 -29.86 -4.81
N LEU A 190 -10.39 -31.01 -4.70
CA LEU A 190 -8.96 -31.15 -5.03
C LEU A 190 -8.75 -31.91 -6.34
N ASP A 191 -9.70 -31.82 -7.27
CA ASP A 191 -9.48 -32.28 -8.66
C ASP A 191 -8.33 -31.45 -9.23
N PHE A 192 -7.44 -32.06 -9.99
CA PHE A 192 -6.17 -31.41 -10.38
C PHE A 192 -5.67 -31.83 -11.73
N TRP A 193 -4.78 -31.01 -12.26
CA TRP A 193 -3.89 -31.27 -13.40
C TRP A 193 -2.49 -31.52 -12.82
N THR A 194 -1.69 -32.34 -13.46
CA THR A 194 -0.29 -32.53 -13.01
C THR A 194 0.61 -32.57 -14.25
N TYR A 195 1.78 -31.98 -14.15
CA TYR A 195 2.81 -32.08 -15.17
C TYR A 195 4.19 -31.93 -14.52
N PRO A 196 5.26 -32.40 -15.19
CA PRO A 196 6.61 -32.19 -14.71
C PRO A 196 7.16 -30.83 -15.13
N GLY A 197 7.62 -30.05 -14.15
CA GLY A 197 8.13 -28.71 -14.40
C GLY A 197 9.19 -28.28 -13.41
N SER A 198 9.20 -26.98 -13.14
CA SER A 198 10.37 -26.32 -12.57
C SER A 198 9.95 -25.38 -11.45
N LEU A 199 10.91 -24.95 -10.66
CA LEU A 199 10.76 -23.68 -9.91
C LEU A 199 10.43 -22.57 -10.91
N THR A 200 9.59 -21.61 -10.51
CA THR A 200 9.27 -20.47 -11.42
C THR A 200 10.14 -19.22 -11.14
N HIS A 201 11.11 -19.34 -10.25
CA HIS A 201 12.05 -18.28 -9.83
C HIS A 201 13.43 -18.93 -9.84
N PRO A 202 14.51 -18.18 -10.10
CA PRO A 202 15.86 -18.73 -10.00
C PRO A 202 16.02 -19.47 -8.68
N PRO A 203 16.70 -20.62 -8.67
CA PRO A 203 17.50 -21.09 -9.81
C PRO A 203 16.78 -21.93 -10.89
N LEU A 204 15.44 -22.00 -10.86
CA LEU A 204 14.64 -22.57 -11.99
C LEU A 204 14.88 -24.07 -12.18
N TYR A 205 15.26 -24.77 -11.11
CA TYR A 205 15.52 -26.22 -11.19
C TYR A 205 14.30 -26.94 -11.72
N GLU A 206 14.54 -27.95 -12.57
CA GLU A 206 13.47 -28.78 -13.15
C GLU A 206 13.17 -29.94 -12.23
N SER A 207 12.71 -29.65 -10.99
CA SER A 207 12.61 -30.58 -9.86
C SER A 207 11.20 -30.66 -9.33
N VAL A 208 10.23 -30.00 -10.00
CA VAL A 208 8.87 -29.82 -9.44
C VAL A 208 7.85 -30.64 -10.21
N THR A 209 7.15 -31.48 -9.49
CA THR A 209 5.86 -32.06 -9.92
C THR A 209 4.77 -31.05 -9.53
N TRP A 210 4.11 -30.45 -10.53
CA TRP A 210 3.06 -29.43 -10.33
C TRP A 210 1.75 -30.15 -10.14
N ILE A 211 0.99 -29.72 -9.15
CA ILE A 211 -0.40 -30.13 -8.89
C ILE A 211 -1.24 -28.86 -9.01
N ILE A 212 -2.02 -28.69 -10.08
CA ILE A 212 -2.75 -27.43 -10.34
C ILE A 212 -4.22 -27.73 -10.11
N CYS A 213 -4.83 -27.11 -9.14
CA CYS A 213 -6.25 -27.31 -8.79
C CYS A 213 -7.17 -26.79 -9.90
N LYS A 214 -8.17 -27.61 -10.26
CA LYS A 214 -9.23 -27.18 -11.21
C LYS A 214 -10.04 -26.01 -10.64
N GLU A 215 -10.43 -26.06 -9.37
CA GLU A 215 -11.29 -25.06 -8.70
C GLU A 215 -10.45 -23.88 -8.24
N SER A 216 -10.90 -22.67 -8.50
CA SER A 216 -10.21 -21.46 -8.04
C SER A 216 -10.65 -21.17 -6.61
N ILE A 217 -9.93 -20.27 -5.94
CA ILE A 217 -10.38 -19.61 -4.70
C ILE A 217 -10.48 -18.11 -4.98
N SER A 218 -11.22 -17.44 -4.12
CA SER A 218 -11.50 -16.00 -4.29
CA SER A 218 -11.50 -16.00 -4.28
C SER A 218 -10.42 -15.15 -3.63
N VAL A 219 -10.39 -13.90 -4.04
CA VAL A 219 -9.58 -12.84 -3.41
C VAL A 219 -10.23 -11.53 -3.82
N SER A 220 -10.28 -10.51 -2.94
CA SER A 220 -10.86 -9.22 -3.37
C SER A 220 -9.81 -8.34 -4.03
N SER A 221 -10.26 -7.34 -4.75
CA SER A 221 -9.41 -6.25 -5.28
CA SER A 221 -9.36 -6.30 -5.31
C SER A 221 -8.55 -5.64 -4.16
N GLU A 222 -9.15 -5.47 -2.98
CA GLU A 222 -8.46 -4.79 -1.86
C GLU A 222 -7.44 -5.74 -1.21
N GLN A 223 -7.74 -7.03 -1.14
CA GLN A 223 -6.75 -8.02 -0.64
C GLN A 223 -5.55 -8.03 -1.59
N LEU A 224 -5.71 -8.04 -2.91
CA LEU A 224 -4.61 -7.96 -3.87
C LEU A 224 -3.80 -6.69 -3.64
N ALA A 225 -4.48 -5.58 -3.35
CA ALA A 225 -3.78 -4.30 -3.09
C ALA A 225 -2.89 -4.45 -1.87
N GLN A 226 -3.27 -5.22 -0.85
CA GLN A 226 -2.41 -5.46 0.33
C GLN A 226 -1.12 -6.13 -0.09
N PHE A 227 -1.15 -7.13 -0.99
CA PHE A 227 0.10 -7.72 -1.54
C PHE A 227 0.96 -6.69 -2.27
N ARG A 228 0.37 -5.86 -3.12
CA ARG A 228 1.10 -4.90 -3.96
C ARG A 228 1.66 -3.75 -3.12
N SER A 229 1.18 -3.58 -1.89
CA SER A 229 1.67 -2.52 -0.95
C SER A 229 2.87 -3.03 -0.14
N LEU A 230 3.24 -4.31 -0.21
CA LEU A 230 4.54 -4.70 0.40
C LEU A 230 5.66 -3.97 -0.34
N LEU A 231 6.82 -3.74 0.30
CA LEU A 231 7.88 -2.95 -0.30
C LEU A 231 9.08 -3.85 -0.59
N SER A 232 9.65 -3.64 -1.74
CA SER A 232 10.84 -4.38 -2.24
C SER A 232 12.12 -3.74 -1.72
N ASN A 233 12.03 -2.54 -1.19
CA ASN A 233 13.25 -1.79 -0.73
C ASN A 233 13.51 -2.18 0.71
N VAL A 234 14.74 -1.87 1.21
CA VAL A 234 15.03 -2.07 2.65
C VAL A 234 14.59 -0.83 3.43
N GLU A 235 14.33 -1.02 4.71
CA GLU A 235 13.92 0.07 5.62
C GLU A 235 14.80 1.32 5.44
N GLY A 236 14.14 2.48 5.36
CA GLY A 236 14.77 3.82 5.25
C GLY A 236 14.98 4.25 3.82
N ASP A 237 15.05 3.34 2.86
CA ASP A 237 15.14 3.74 1.44
C ASP A 237 13.77 4.23 0.95
N ASN A 238 13.76 4.89 -0.20
CA ASN A 238 12.49 5.30 -0.83
C ASN A 238 11.68 4.03 -1.08
N ALA A 239 10.40 4.12 -0.74
CA ALA A 239 9.45 2.99 -0.83
C ALA A 239 9.27 2.61 -2.32
N VAL A 240 9.32 1.33 -2.60
CA VAL A 240 9.15 0.74 -3.95
C VAL A 240 8.20 -0.44 -3.79
N PRO A 241 6.90 -0.23 -4.00
CA PRO A 241 5.96 -1.34 -3.98
C PRO A 241 6.30 -2.55 -4.86
N MET A 242 5.95 -3.74 -4.35
CA MET A 242 6.05 -5.04 -5.04
C MET A 242 4.88 -5.18 -6.00
N GLN A 243 5.00 -4.66 -7.19
CA GLN A 243 3.80 -4.55 -8.07
C GLN A 243 3.41 -5.92 -8.62
N HIS A 244 4.39 -6.76 -8.99
CA HIS A 244 4.12 -8.04 -9.68
C HIS A 244 5.30 -8.99 -9.49
N ASN A 245 5.02 -10.29 -9.56
CA ASN A 245 6.07 -11.32 -9.36
C ASN A 245 5.63 -12.61 -10.06
N ASN A 246 4.90 -12.54 -11.17
CA ASN A 246 4.49 -13.71 -11.94
C ASN A 246 5.35 -13.89 -13.18
N ARG A 247 5.91 -15.08 -13.33
CA ARG A 247 6.68 -15.43 -14.54
C ARG A 247 5.70 -15.70 -15.67
N PRO A 248 6.01 -15.27 -16.93
CA PRO A 248 5.22 -15.71 -18.07
C PRO A 248 5.20 -17.23 -18.25
N THR A 249 4.18 -17.77 -18.91
CA THR A 249 4.07 -19.17 -19.30
C THR A 249 5.15 -19.52 -20.33
N GLN A 250 5.61 -20.75 -20.22
CA GLN A 250 6.77 -21.32 -20.93
C GLN A 250 6.28 -22.44 -21.84
N PRO A 251 7.06 -22.75 -22.91
CA PRO A 251 6.67 -23.79 -23.85
C PRO A 251 6.59 -25.17 -23.21
N LEU A 252 5.54 -25.92 -23.53
CA LEU A 252 5.33 -27.30 -23.03
C LEU A 252 6.41 -28.25 -23.57
N LYS A 253 6.92 -28.02 -24.79
CA LYS A 253 8.01 -28.86 -25.36
C LYS A 253 7.69 -30.36 -25.22
N GLY A 254 6.46 -30.74 -25.56
CA GLY A 254 6.07 -32.15 -25.69
C GLY A 254 5.65 -32.75 -24.38
N ARG A 255 5.69 -32.02 -23.27
CA ARG A 255 5.20 -32.61 -22.00
C ARG A 255 3.69 -32.81 -22.11
N THR A 256 3.17 -33.77 -21.36
CA THR A 256 1.72 -34.06 -21.27
C THR A 256 1.22 -33.54 -19.92
N VAL A 257 0.17 -32.74 -19.94
CA VAL A 257 -0.59 -32.40 -18.71
C VAL A 257 -1.65 -33.49 -18.48
N ARG A 258 -1.63 -34.16 -17.34
CA ARG A 258 -2.60 -35.20 -16.96
C ARG A 258 -3.67 -34.58 -16.09
N ALA A 259 -4.88 -35.08 -16.23
CA ALA A 259 -6.05 -34.63 -15.47
C ALA A 259 -6.48 -35.75 -14.54
N SER A 260 -6.85 -35.44 -13.32
CA SER A 260 -7.38 -36.44 -12.35
C SER A 260 -8.88 -36.67 -12.58
N PHE A 261 -9.46 -35.93 -13.51
CA PHE A 261 -10.94 -35.75 -13.61
C PHE A 261 -11.25 -35.74 -15.11
N TRP B 6 -12.29 15.45 -9.25
CA TRP B 6 -11.01 16.26 -9.17
C TRP B 6 -9.86 15.42 -8.63
N GLY B 7 -8.71 15.49 -9.29
CA GLY B 7 -7.50 14.76 -8.87
C GLY B 7 -6.23 15.54 -9.13
N TYR B 8 -5.11 14.81 -9.31
CA TYR B 8 -3.74 15.33 -9.43
C TYR B 8 -3.07 14.69 -10.67
N ASP B 9 -3.81 13.91 -11.46
CA ASP B 9 -3.39 13.35 -12.78
C ASP B 9 -3.45 14.48 -13.82
N ASP B 10 -3.00 14.23 -15.06
CA ASP B 10 -2.98 15.28 -16.11
C ASP B 10 -4.42 15.60 -16.56
N LYS B 11 -5.27 14.59 -16.65
CA LYS B 11 -6.73 14.72 -16.98
C LYS B 11 -7.41 15.71 -16.02
N ASN B 12 -7.31 15.50 -14.68
CA ASN B 12 -8.20 16.15 -13.68
C ASN B 12 -7.41 16.97 -12.65
N GLY B 13 -6.15 17.31 -12.96
CA GLY B 13 -5.17 17.84 -11.97
C GLY B 13 -5.12 19.37 -11.91
N PRO B 14 -4.18 19.88 -11.10
CA PRO B 14 -4.04 21.32 -10.86
C PRO B 14 -4.12 22.19 -12.12
N GLU B 15 -3.66 21.71 -13.28
CA GLU B 15 -3.61 22.53 -14.53
C GLU B 15 -5.00 22.64 -15.17
N GLN B 16 -5.93 21.73 -14.85
CA GLN B 16 -7.30 21.65 -15.42
C GLN B 16 -8.30 22.35 -14.51
N TRP B 17 -7.93 22.54 -13.22
CA TRP B 17 -8.85 23.16 -12.25
C TRP B 17 -9.39 24.49 -12.80
N SER B 18 -8.56 25.29 -13.49
CA SER B 18 -8.96 26.67 -13.91
C SER B 18 -10.21 26.61 -14.79
N LYS B 19 -10.50 25.48 -15.42
CA LYS B 19 -11.67 25.36 -16.32
C LYS B 19 -12.99 25.45 -15.56
N LEU B 20 -13.12 24.79 -14.39
CA LEU B 20 -14.32 24.99 -13.53
C LEU B 20 -14.07 26.06 -12.46
N TYR B 21 -12.80 26.28 -12.06
CA TYR B 21 -12.48 27.21 -10.95
C TYR B 21 -11.47 28.24 -11.45
N PRO B 22 -11.95 29.25 -12.21
CA PRO B 22 -11.07 30.30 -12.74
C PRO B 22 -10.27 31.04 -11.68
N ILE B 23 -10.70 31.00 -10.40
CA ILE B 23 -9.93 31.62 -9.29
C ILE B 23 -8.55 30.95 -9.17
N ALA B 24 -8.33 29.78 -9.77
CA ALA B 24 -7.05 29.04 -9.76
C ALA B 24 -5.95 29.97 -10.23
N ASN B 25 -6.29 30.93 -11.11
CA ASN B 25 -5.33 31.91 -11.67
C ASN B 25 -5.49 33.25 -10.96
N GLY B 26 -6.05 33.28 -9.75
CA GLY B 26 -6.26 34.45 -8.91
C GLY B 26 -5.01 35.06 -8.28
N ASN B 27 -5.19 36.08 -7.47
CA ASN B 27 -4.09 36.88 -6.89
C ASN B 27 -3.74 36.41 -5.47
N ASN B 28 -4.49 35.43 -4.92
CA ASN B 28 -4.31 35.01 -3.51
C ASN B 28 -4.30 33.49 -3.45
N GLN B 29 -3.68 32.82 -4.40
CA GLN B 29 -3.67 31.34 -4.45
C GLN B 29 -2.52 30.76 -3.62
N SER B 30 -2.77 29.56 -3.12
CA SER B 30 -1.87 28.78 -2.26
C SER B 30 -1.63 27.43 -2.91
N PRO B 31 -0.52 26.73 -2.59
CA PRO B 31 0.54 27.17 -1.70
C PRO B 31 1.53 28.13 -2.38
N VAL B 32 2.52 28.59 -1.66
CA VAL B 32 3.55 29.53 -2.15
C VAL B 32 4.91 29.08 -1.65
N ASP B 33 5.94 29.57 -2.32
CA ASP B 33 7.33 29.45 -1.84
C ASP B 33 7.58 30.61 -0.91
N ILE B 34 8.02 30.35 0.31
CA ILE B 34 8.38 31.42 1.26
C ILE B 34 9.88 31.72 1.08
N LYS B 35 10.19 32.83 0.44
CA LYS B 35 11.59 33.29 0.35
C LYS B 35 11.97 34.03 1.64
N THR B 36 12.82 33.45 2.47
CA THR B 36 13.05 33.99 3.83
C THR B 36 13.75 35.36 3.79
N SER B 37 14.46 35.67 2.71
CA SER B 37 15.08 37.01 2.53
C SER B 37 14.02 38.08 2.27
N GLU B 38 12.79 37.73 1.85
CA GLU B 38 11.70 38.70 1.51
C GLU B 38 10.62 38.78 2.62
N THR B 39 10.73 37.96 3.67
CA THR B 39 9.74 38.02 4.79
C THR B 39 9.91 39.32 5.57
N LYS B 40 8.83 39.75 6.18
CA LYS B 40 8.81 40.99 6.98
C LYS B 40 8.33 40.63 8.38
N HIS B 41 9.10 41.02 9.38
CA HIS B 41 8.72 40.84 10.79
C HIS B 41 7.67 41.86 11.15
N ASP B 42 6.58 41.39 11.73
CA ASP B 42 5.41 42.21 12.10
C ASP B 42 5.21 42.10 13.62
N THR B 43 5.45 43.20 14.32
CA THR B 43 5.46 43.19 15.80
C THR B 43 4.05 42.98 16.32
N SER B 44 3.02 43.14 15.51
CA SER B 44 1.62 42.96 15.94
C SER B 44 1.29 41.46 16.05
N LEU B 45 2.12 40.60 15.50
CA LEU B 45 1.82 39.12 15.53
C LEU B 45 2.06 38.54 16.91
N LYS B 46 0.96 38.12 17.52
CA LYS B 46 1.00 37.46 18.84
C LYS B 46 1.37 36.00 18.66
N PRO B 47 1.82 35.32 19.71
CA PRO B 47 2.01 33.87 19.63
C PRO B 47 0.70 33.19 19.26
N ILE B 48 0.81 32.07 18.52
CA ILE B 48 -0.31 31.13 18.25
C ILE B 48 -0.64 30.42 19.57
N SER B 49 -1.93 30.28 19.85
CA SER B 49 -2.40 29.43 20.98
C SER B 49 -3.46 28.46 20.43
N VAL B 50 -3.16 27.18 20.58
CA VAL B 50 -4.15 26.14 20.21
C VAL B 50 -4.53 25.43 21.50
N SER B 51 -5.80 25.11 21.59
CA SER B 51 -6.33 24.27 22.70
C SER B 51 -7.44 23.42 22.09
N TYR B 52 -7.12 22.17 21.92
CA TYR B 52 -8.04 21.22 21.30
C TYR B 52 -8.46 20.18 22.34
N ASN B 53 -9.77 19.92 22.33
CA ASN B 53 -10.40 18.93 23.21
C ASN B 53 -10.39 17.60 22.46
N PRO B 54 -9.70 16.53 22.92
CA PRO B 54 -9.62 15.29 22.17
C PRO B 54 -11.01 14.66 21.94
N ALA B 55 -12.00 15.05 22.71
CA ALA B 55 -13.37 14.49 22.56
C ALA B 55 -14.06 15.10 21.35
N THR B 56 -13.50 16.13 20.70
CA THR B 56 -14.10 16.67 19.46
C THR B 56 -13.71 15.82 18.24
N ALA B 57 -12.78 14.92 18.33
CA ALA B 57 -12.40 14.04 17.20
C ALA B 57 -13.66 13.24 16.80
N LYS B 58 -14.00 13.17 15.53
CA LYS B 58 -15.27 12.50 15.11
C LYS B 58 -15.00 11.35 14.15
N GLU B 59 -14.38 11.57 12.97
CA GLU B 59 -14.47 10.61 11.86
C GLU B 59 -13.26 10.75 10.96
N ILE B 60 -12.84 9.66 10.37
CA ILE B 60 -11.81 9.65 9.31
C ILE B 60 -12.45 9.14 8.03
N ILE B 61 -12.13 9.78 6.91
CA ILE B 61 -12.83 9.55 5.65
C ILE B 61 -11.84 9.56 4.49
N ASN B 62 -11.98 8.60 3.59
CA ASN B 62 -11.26 8.54 2.32
C ASN B 62 -12.03 9.37 1.29
N VAL B 63 -11.45 10.50 0.86
CA VAL B 63 -12.13 11.41 -0.10
C VAL B 63 -11.60 11.22 -1.53
N GLY B 64 -10.98 10.08 -1.82
CA GLY B 64 -10.56 9.74 -3.20
C GLY B 64 -9.19 10.23 -3.54
N HIS B 65 -8.89 11.53 -3.40
CA HIS B 65 -7.54 12.08 -3.61
C HIS B 65 -6.76 12.22 -2.29
N SER B 66 -7.38 11.99 -1.15
CA SER B 66 -6.72 12.16 0.16
C SER B 66 -7.57 11.48 1.23
N PHE B 67 -7.23 11.69 2.49
CA PHE B 67 -8.11 11.32 3.60
C PHE B 67 -8.16 12.51 4.55
N HIS B 68 -9.28 12.66 5.21
CA HIS B 68 -9.55 13.76 6.17
C HIS B 68 -9.87 13.18 7.51
N VAL B 69 -9.43 13.83 8.56
CA VAL B 69 -9.90 13.58 9.94
C VAL B 69 -10.74 14.79 10.33
N ASN B 70 -12.04 14.57 10.56
CA ASN B 70 -13.00 15.63 10.85
C ASN B 70 -13.36 15.64 12.33
N PHE B 71 -13.66 16.83 12.80
CA PHE B 71 -13.94 17.13 14.21
C PHE B 71 -15.36 17.65 14.32
N GLU B 72 -16.00 17.38 15.44
CA GLU B 72 -17.27 18.04 15.81
C GLU B 72 -17.01 19.54 15.91
N ASP B 73 -17.81 20.35 15.24
CA ASP B 73 -17.57 21.82 15.16
C ASP B 73 -18.83 22.59 15.53
N ASN B 74 -19.63 22.02 16.44
CA ASN B 74 -20.91 22.58 16.95
C ASN B 74 -20.64 23.61 18.06
N ASP B 75 -19.45 23.62 18.67
CA ASP B 75 -19.13 24.61 19.73
C ASP B 75 -17.63 24.92 19.70
N ASN B 76 -17.14 25.70 20.67
CA ASN B 76 -15.74 26.19 20.69
C ASN B 76 -14.89 25.40 21.66
N ARG B 77 -15.09 24.10 21.80
CA ARG B 77 -14.23 23.25 22.63
C ARG B 77 -12.78 23.27 22.12
N SER B 78 -12.63 23.38 20.80
CA SER B 78 -11.32 23.20 20.11
C SER B 78 -11.05 24.44 19.25
N VAL B 79 -10.14 25.32 19.70
CA VAL B 79 -10.00 26.66 19.06
C VAL B 79 -8.52 27.02 18.88
N LEU B 80 -8.31 27.80 17.81
CA LEU B 80 -7.06 28.53 17.49
C LEU B 80 -7.29 30.00 17.80
N LYS B 81 -6.35 30.60 18.48
CA LYS B 81 -6.39 32.07 18.60
C LYS B 81 -4.96 32.62 18.58
N GLY B 82 -4.86 33.96 18.61
CA GLY B 82 -3.53 34.60 18.60
C GLY B 82 -3.00 34.78 17.20
N GLY B 83 -1.68 34.83 17.06
CA GLY B 83 -1.06 35.15 15.76
C GLY B 83 -1.65 36.42 15.16
N PRO B 84 -2.13 36.34 13.91
CA PRO B 84 -2.61 37.50 13.16
C PRO B 84 -4.08 37.81 13.48
N PHE B 85 -4.72 37.00 14.33
CA PHE B 85 -6.19 36.99 14.52
C PHE B 85 -6.60 37.80 15.75
N SER B 86 -7.74 38.47 15.68
CA SER B 86 -8.40 38.94 16.93
C SER B 86 -9.57 37.99 17.29
N ASP B 87 -10.08 37.24 16.31
CA ASP B 87 -11.21 36.26 16.44
C ASP B 87 -10.62 34.91 16.85
N SER B 88 -11.35 34.09 17.59
CA SER B 88 -11.04 32.65 17.76
C SER B 88 -11.53 31.89 16.53
N TYR B 89 -10.77 30.86 16.11
CA TYR B 89 -11.19 29.99 15.00
C TYR B 89 -11.40 28.57 15.52
N ARG B 90 -12.40 27.90 14.98
CA ARG B 90 -12.86 26.59 15.48
C ARG B 90 -12.23 25.48 14.64
N LEU B 91 -11.52 24.56 15.28
CA LEU B 91 -10.97 23.34 14.62
C LEU B 91 -12.07 22.57 13.92
N PHE B 92 -11.87 22.16 12.66
CA PHE B 92 -12.83 21.25 12.00
C PHE B 92 -12.18 20.06 11.31
N GLN B 93 -10.90 20.11 10.94
CA GLN B 93 -10.31 19.01 10.16
C GLN B 93 -8.78 19.05 10.25
N PHE B 94 -8.12 17.90 10.13
CA PHE B 94 -6.72 17.95 9.67
C PHE B 94 -6.56 16.88 8.60
N HIS B 95 -5.54 17.07 7.79
CA HIS B 95 -5.21 16.14 6.69
C HIS B 95 -3.75 16.37 6.28
N PHE B 96 -3.27 15.55 5.37
CA PHE B 96 -1.87 15.58 4.95
C PHE B 96 -1.85 15.72 3.42
N HIS B 97 -0.73 16.22 2.91
CA HIS B 97 -0.39 16.13 1.48
C HIS B 97 0.93 15.38 1.40
N TRP B 98 1.10 14.65 0.31
CA TRP B 98 2.36 13.92 0.05
C TRP B 98 2.58 13.84 -1.46
N GLY B 99 3.76 13.39 -1.83
CA GLY B 99 4.24 13.34 -3.22
C GLY B 99 4.50 11.90 -3.65
N SER B 100 4.80 11.70 -4.95
CA SER B 100 5.03 10.34 -5.48
C SER B 100 6.38 9.78 -4.99
N THR B 101 7.31 10.65 -4.59
CA THR B 101 8.63 10.29 -4.02
C THR B 101 8.80 10.98 -2.67
N ASN B 102 9.78 10.53 -1.90
CA ASN B 102 10.19 11.29 -0.69
C ASN B 102 10.78 12.66 -1.05
N GLU B 103 11.17 12.92 -2.31
CA GLU B 103 11.89 14.18 -2.70
C GLU B 103 10.95 15.40 -2.77
N HIS B 104 9.64 15.19 -2.91
CA HIS B 104 8.63 16.29 -2.84
CA HIS B 104 8.61 16.23 -2.95
C HIS B 104 7.42 15.68 -2.16
N GLY B 105 6.56 16.52 -1.74
CA GLY B 105 5.26 16.06 -1.26
C GLY B 105 4.65 17.16 -0.47
N SER B 106 5.46 18.09 0.02
CA SER B 106 4.89 19.30 0.65
C SER B 106 4.23 20.18 -0.42
N GLU B 107 3.36 21.06 0.06
CA GLU B 107 2.70 22.08 -0.77
C GLU B 107 3.49 23.36 -0.66
N HIS B 108 3.64 23.91 0.52
CA HIS B 108 4.55 25.04 0.74
C HIS B 108 6.00 24.58 0.56
N THR B 109 6.82 25.50 0.09
CA THR B 109 8.29 25.36 0.03
C THR B 109 8.92 26.53 0.78
N VAL B 110 10.16 26.35 1.23
CA VAL B 110 10.89 27.46 1.88
C VAL B 110 12.22 27.62 1.15
N ASP B 111 12.44 28.78 0.55
CA ASP B 111 13.71 29.04 -0.19
C ASP B 111 13.89 27.95 -1.24
N GLY B 112 12.79 27.55 -1.89
CA GLY B 112 12.76 26.54 -2.96
C GLY B 112 12.87 25.10 -2.49
N VAL B 113 13.07 24.87 -1.20
CA VAL B 113 13.25 23.49 -0.67
C VAL B 113 11.87 22.85 -0.47
N LYS B 114 11.70 21.69 -1.08
CA LYS B 114 10.48 20.86 -1.01
C LYS B 114 10.68 19.84 0.10
N TYR B 115 9.71 19.69 0.98
CA TYR B 115 9.71 18.63 2.00
C TYR B 115 8.94 17.41 1.51
N SER B 116 8.93 16.33 2.28
CA SER B 116 8.34 15.04 1.89
C SER B 116 6.83 15.02 2.07
N ALA B 117 6.27 15.88 2.93
CA ALA B 117 4.83 15.88 3.15
C ALA B 117 4.49 17.17 3.90
N GLU B 118 3.21 17.35 4.15
CA GLU B 118 2.76 18.58 4.85
C GLU B 118 1.47 18.21 5.58
N LEU B 119 1.37 18.67 6.83
CA LEU B 119 0.16 18.54 7.64
C LEU B 119 -0.57 19.88 7.57
N HIS B 120 -1.87 19.82 7.42
CA HIS B 120 -2.79 20.97 7.43
C HIS B 120 -3.81 20.78 8.55
N VAL B 121 -3.94 21.76 9.42
CA VAL B 121 -4.93 21.69 10.53
C VAL B 121 -5.84 22.91 10.28
N ALA B 122 -7.09 22.70 9.92
CA ALA B 122 -8.00 23.71 9.37
C ALA B 122 -9.05 24.13 10.42
N HIS B 123 -9.37 25.40 10.43
CA HIS B 123 -10.26 26.04 11.41
C HIS B 123 -11.16 27.02 10.67
N TRP B 124 -12.32 27.34 11.23
CA TRP B 124 -13.23 28.37 10.62
C TRP B 124 -13.64 29.42 11.66
N ASN B 125 -13.95 30.60 11.17
CA ASN B 125 -14.16 31.80 12.03
C ASN B 125 -15.54 31.73 12.69
N SER B 126 -15.58 31.24 13.92
CA SER B 126 -16.85 31.05 14.68
C SER B 126 -17.20 32.33 15.47
N ALA B 127 -16.31 33.32 15.49
CA ALA B 127 -16.64 34.66 16.07
C ALA B 127 -17.57 35.40 15.12
N LYS B 128 -17.37 35.30 13.81
CA LYS B 128 -18.02 36.18 12.81
C LYS B 128 -19.07 35.40 12.03
N TYR B 129 -18.95 34.07 11.92
CA TYR B 129 -19.88 33.24 11.14
C TYR B 129 -20.42 32.15 12.07
N SER B 130 -21.54 31.55 11.66
CA SER B 130 -22.22 30.50 12.44
C SER B 130 -22.02 29.12 11.81
N SER B 131 -21.43 28.98 10.62
CA SER B 131 -21.17 27.63 10.04
C SER B 131 -19.91 27.64 9.17
N LEU B 132 -19.34 26.47 9.00
CA LEU B 132 -18.24 26.26 8.03
C LEU B 132 -18.73 26.64 6.64
N ALA B 133 -19.93 26.20 6.26
CA ALA B 133 -20.46 26.51 4.92
C ALA B 133 -20.51 28.02 4.73
N GLU B 134 -20.87 28.79 5.76
CA GLU B 134 -20.94 30.26 5.70
C GLU B 134 -19.52 30.85 5.61
N ALA B 135 -18.59 30.38 6.45
CA ALA B 135 -17.23 30.93 6.55
C ALA B 135 -16.40 30.58 5.30
N ALA B 136 -16.70 29.50 4.62
CA ALA B 136 -15.83 28.89 3.58
C ALA B 136 -15.40 29.89 2.49
N SER B 137 -16.27 30.79 2.06
CA SER B 137 -16.09 31.67 0.88
C SER B 137 -15.56 33.04 1.31
N LYS B 138 -15.43 33.32 2.60
CA LYS B 138 -15.22 34.66 3.18
C LYS B 138 -13.72 34.91 3.33
N ALA B 139 -13.21 36.10 3.03
CA ALA B 139 -11.76 36.40 3.07
C ALA B 139 -11.15 36.06 4.44
N ASP B 140 -11.90 36.27 5.52
CA ASP B 140 -11.48 36.09 6.93
C ASP B 140 -12.07 34.76 7.46
N GLY B 141 -12.51 33.88 6.59
CA GLY B 141 -13.34 32.73 6.99
C GLY B 141 -12.54 31.58 7.56
N LEU B 142 -11.37 31.27 7.00
CA LEU B 142 -10.64 30.04 7.36
C LEU B 142 -9.23 30.37 7.84
N ALA B 143 -8.68 29.49 8.63
CA ALA B 143 -7.31 29.59 9.18
C ALA B 143 -6.71 28.19 9.12
N VAL B 144 -5.59 28.01 8.42
CA VAL B 144 -4.99 26.68 8.31
C VAL B 144 -3.54 26.75 8.78
N ILE B 145 -3.16 25.92 9.72
CA ILE B 145 -1.78 25.72 10.16
C ILE B 145 -1.14 24.67 9.28
N GLY B 146 -0.04 25.02 8.63
CA GLY B 146 0.74 24.06 7.85
C GLY B 146 2.03 23.74 8.57
N VAL B 147 2.38 22.46 8.61
CA VAL B 147 3.62 21.92 9.16
C VAL B 147 4.31 21.09 8.09
N LEU B 148 5.54 21.49 7.80
CA LEU B 148 6.38 20.77 6.86
C LEU B 148 6.87 19.48 7.53
N MET B 149 6.85 18.38 6.76
CA MET B 149 7.27 17.05 7.24
C MET B 149 8.53 16.56 6.51
N LYS B 150 9.59 16.38 7.26
CA LYS B 150 10.93 16.04 6.74
C LYS B 150 11.19 14.55 6.93
N VAL B 151 11.48 13.86 5.82
CA VAL B 151 11.66 12.38 5.88
C VAL B 151 12.91 12.09 6.75
N GLY B 152 12.78 11.14 7.65
CA GLY B 152 13.84 10.77 8.62
C GLY B 152 13.30 9.72 9.54
N GLU B 153 13.40 9.96 10.83
CA GLU B 153 12.93 9.00 11.85
C GLU B 153 11.40 8.89 11.80
N ALA B 154 10.90 7.70 12.08
CA ALA B 154 9.46 7.51 12.24
C ALA B 154 8.92 8.45 13.30
N ASN B 155 7.74 8.96 13.06
CA ASN B 155 7.08 9.90 13.97
C ASN B 155 6.03 9.13 14.74
N PRO B 156 6.22 8.81 16.03
CA PRO B 156 5.21 8.02 16.71
C PRO B 156 3.88 8.73 16.95
N LYS B 157 3.85 10.06 16.83
CA LYS B 157 2.61 10.83 17.05
C LYS B 157 1.63 10.56 15.91
N LEU B 158 2.10 9.99 14.81
CA LEU B 158 1.26 9.65 13.62
C LEU B 158 0.58 8.30 13.82
N GLN B 159 0.90 7.56 14.88
CA GLN B 159 0.44 6.14 15.01
C GLN B 159 -1.08 5.99 14.89
N LYS B 160 -1.87 6.70 15.65
CA LYS B 160 -3.34 6.46 15.69
C LYS B 160 -3.89 6.71 14.28
N VAL B 161 -3.39 7.75 13.60
CA VAL B 161 -3.86 8.07 12.23
C VAL B 161 -3.48 6.93 11.29
N LEU B 162 -2.22 6.53 11.25
CA LEU B 162 -1.79 5.45 10.34
C LEU B 162 -2.54 4.12 10.64
N ASP B 163 -2.76 3.78 11.90
CA ASP B 163 -3.47 2.53 12.30
C ASP B 163 -4.95 2.60 11.86
N ALA B 164 -5.52 3.79 11.61
CA ALA B 164 -6.95 3.93 11.23
C ALA B 164 -7.12 3.66 9.74
N LEU B 165 -6.09 3.77 8.93
CA LEU B 165 -6.20 3.79 7.46
C LEU B 165 -6.73 2.45 6.94
N GLN B 166 -6.44 1.37 7.65
CA GLN B 166 -6.87 0.04 7.14
C GLN B 166 -8.39 -0.04 7.09
N ALA B 167 -9.12 0.80 7.82
CA ALA B 167 -10.60 0.78 7.85
C ALA B 167 -11.19 1.71 6.79
N ILE B 168 -10.38 2.46 6.02
CA ILE B 168 -10.88 3.47 5.03
C ILE B 168 -10.10 3.35 3.73
N LYS B 169 -9.85 2.12 3.25
CA LYS B 169 -8.84 1.91 2.20
C LYS B 169 -9.30 2.50 0.89
N THR B 170 -10.62 2.50 0.65
CA THR B 170 -11.19 2.88 -0.67
C THR B 170 -12.05 4.16 -0.58
N LYS B 171 -12.20 4.83 -1.73
CA LYS B 171 -12.97 6.10 -1.82
C LYS B 171 -14.35 5.95 -1.18
N GLY B 172 -14.70 6.87 -0.30
CA GLY B 172 -16.00 6.95 0.38
C GLY B 172 -16.08 6.23 1.70
N LYS B 173 -15.13 5.32 2.04
CA LYS B 173 -15.18 4.64 3.33
C LYS B 173 -14.91 5.67 4.43
N ARG B 174 -15.56 5.49 5.57
CA ARG B 174 -15.42 6.36 6.73
C ARG B 174 -15.54 5.51 7.97
N ALA B 175 -14.90 5.94 9.02
CA ALA B 175 -14.90 5.25 10.31
C ALA B 175 -14.83 6.25 11.44
N PRO B 176 -15.35 5.92 12.64
CA PRO B 176 -15.20 6.77 13.81
C PRO B 176 -13.70 6.92 14.11
N PHE B 177 -13.36 8.13 14.53
CA PHE B 177 -11.97 8.48 14.93
C PHE B 177 -12.16 9.44 16.10
N THR B 178 -11.87 8.95 17.31
CA THR B 178 -12.27 9.62 18.56
C THR B 178 -11.06 9.78 19.50
N ASN B 179 -11.23 10.68 20.44
CA ASN B 179 -10.25 10.83 21.54
C ASN B 179 -8.87 11.14 20.96
N PHE B 180 -8.76 12.22 20.19
CA PHE B 180 -7.45 12.57 19.58
C PHE B 180 -7.32 14.09 19.58
N ASP B 181 -6.17 14.59 20.02
CA ASP B 181 -5.83 16.02 20.11
C ASP B 181 -4.75 16.28 19.08
N PRO B 182 -5.05 16.87 17.89
CA PRO B 182 -4.05 16.95 16.85
C PRO B 182 -3.01 18.05 17.14
N SER B 183 -3.11 18.78 18.24
CA SER B 183 -1.98 19.70 18.61
C SER B 183 -0.76 18.85 18.98
N THR B 184 -0.95 17.56 19.30
CA THR B 184 0.17 16.63 19.52
C THR B 184 1.04 16.46 18.26
N LEU B 185 0.56 16.84 17.05
CA LEU B 185 1.33 16.64 15.80
C LEU B 185 2.18 17.87 15.52
N LEU B 186 1.92 18.97 16.20
CA LEU B 186 2.66 20.24 15.95
C LEU B 186 4.08 20.16 16.48
N PRO B 187 5.00 20.95 15.91
CA PRO B 187 6.34 21.06 16.45
C PRO B 187 6.32 21.79 17.81
N SER B 188 7.42 21.60 18.56
CA SER B 188 7.59 22.18 19.92
CA SER B 188 7.61 22.18 19.91
C SER B 188 7.45 23.70 19.88
N SER B 189 8.17 24.33 18.97
CA SER B 189 8.18 25.79 18.75
C SER B 189 7.09 26.12 17.73
N LEU B 190 6.29 27.15 17.96
CA LEU B 190 5.23 27.59 17.02
C LEU B 190 5.56 28.97 16.45
N ASP B 191 6.82 29.25 16.29
CA ASP B 191 7.26 30.36 15.40
C ASP B 191 6.66 30.13 14.01
N PHE B 192 6.18 31.16 13.35
CA PHE B 192 5.42 30.97 12.10
C PHE B 192 5.60 32.12 11.11
N TRP B 193 5.33 31.81 9.87
CA TRP B 193 5.05 32.76 8.78
C TRP B 193 3.54 32.83 8.54
N THR B 194 3.02 33.94 8.06
CA THR B 194 1.59 34.05 7.70
C THR B 194 1.44 34.84 6.41
N TYR B 195 0.47 34.47 5.62
CA TYR B 195 0.14 35.22 4.40
C TYR B 195 -1.31 34.93 4.07
N PRO B 196 -1.97 35.80 3.32
CA PRO B 196 -3.33 35.56 2.86
C PRO B 196 -3.41 34.73 1.60
N GLY B 197 -4.17 33.66 1.62
CA GLY B 197 -4.18 32.69 0.54
C GLY B 197 -5.51 31.97 0.42
N SER B 198 -5.42 30.74 -0.04
CA SER B 198 -6.55 30.01 -0.59
C SER B 198 -6.59 28.56 -0.09
N LEU B 199 -7.74 27.92 -0.29
CA LEU B 199 -7.76 26.46 -0.31
C LEU B 199 -6.80 25.96 -1.39
N THR B 200 -6.08 24.87 -1.17
CA THR B 200 -5.15 24.31 -2.19
C THR B 200 -5.80 23.24 -3.06
N HIS B 201 -7.08 23.01 -2.88
CA HIS B 201 -7.91 22.07 -3.65
C HIS B 201 -9.18 22.79 -4.04
N PRO B 202 -9.82 22.42 -5.17
CA PRO B 202 -11.14 23.01 -5.48
C PRO B 202 -12.08 22.97 -4.30
N PRO B 203 -12.84 24.04 -4.07
CA PRO B 203 -13.04 25.13 -5.02
C PRO B 203 -12.03 26.29 -4.97
N LEU B 204 -10.89 26.12 -4.30
CA LEU B 204 -9.77 27.10 -4.33
C LEU B 204 -10.19 28.50 -3.81
N TYR B 205 -11.22 28.57 -2.96
CA TYR B 205 -11.66 29.87 -2.38
C TYR B 205 -10.47 30.61 -1.77
N GLU B 206 -10.41 31.91 -1.99
CA GLU B 206 -9.38 32.77 -1.35
C GLU B 206 -9.84 33.25 0.03
N SER B 207 -9.96 32.31 0.98
CA SER B 207 -10.63 32.48 2.28
C SER B 207 -9.67 32.07 3.39
N VAL B 208 -8.43 31.74 3.06
CA VAL B 208 -7.52 31.12 4.06
C VAL B 208 -6.41 32.07 4.53
N THR B 209 -6.35 32.28 5.84
CA THR B 209 -5.17 32.86 6.50
C THR B 209 -4.22 31.71 6.81
N TRP B 210 -3.09 31.60 6.10
CA TRP B 210 -2.10 30.53 6.32
C TRP B 210 -1.20 30.87 7.48
N ILE B 211 -0.95 29.89 8.33
CA ILE B 211 0.03 29.91 9.41
C ILE B 211 0.99 28.78 9.10
N ILE B 212 2.20 29.08 8.64
CA ILE B 212 3.18 28.03 8.28
C ILE B 212 4.24 27.99 9.38
N CYS B 213 4.35 26.86 10.05
CA CYS B 213 5.32 26.70 11.14
C CYS B 213 6.76 26.77 10.59
N LYS B 214 7.63 27.50 11.29
CA LYS B 214 9.06 27.56 10.95
C LYS B 214 9.70 26.17 11.12
N GLU B 215 9.32 25.45 12.16
CA GLU B 215 9.94 24.15 12.51
C GLU B 215 9.15 23.01 11.84
N SER B 216 9.88 22.03 11.33
CA SER B 216 9.30 20.83 10.68
C SER B 216 9.11 19.73 11.72
N ILE B 217 8.37 18.70 11.32
CA ILE B 217 8.25 17.45 12.11
C ILE B 217 8.75 16.32 11.25
N SER B 218 9.07 15.19 11.86
CA SER B 218 9.60 14.00 11.13
CA SER B 218 9.60 14.02 11.12
C SER B 218 8.48 13.13 10.57
N VAL B 219 8.89 12.29 9.63
CA VAL B 219 8.08 11.17 9.10
C VAL B 219 9.07 10.19 8.48
N SER B 220 8.78 8.88 8.56
CA SER B 220 9.67 7.88 7.94
C SER B 220 9.23 7.61 6.51
N SER B 221 10.15 7.06 5.72
CA SER B 221 9.83 6.58 4.36
C SER B 221 8.67 5.59 4.45
N GLU B 222 8.61 4.74 5.48
CA GLU B 222 7.59 3.65 5.56
C GLU B 222 6.25 4.28 5.92
N GLN B 223 6.24 5.32 6.75
CA GLN B 223 4.97 6.02 7.08
C GLN B 223 4.44 6.70 5.82
N LEU B 224 5.27 7.30 4.99
CA LEU B 224 4.79 7.93 3.74
C LEU B 224 4.21 6.86 2.82
N ALA B 225 4.81 5.68 2.84
CA ALA B 225 4.33 4.58 1.99
C ALA B 225 2.92 4.19 2.43
N GLN B 226 2.58 4.28 3.72
CA GLN B 226 1.22 3.97 4.21
C GLN B 226 0.24 4.97 3.64
N PHE B 227 0.57 6.27 3.55
CA PHE B 227 -0.34 7.23 2.89
C PHE B 227 -0.55 6.86 1.42
N ARG B 228 0.53 6.49 0.71
CA ARG B 228 0.45 6.22 -0.75
C ARG B 228 -0.24 4.87 -0.99
N SER B 229 -0.42 4.06 0.03
CA SER B 229 -1.13 2.75 -0.11
C SER B 229 -2.64 2.95 -0.02
N LEU B 230 -3.13 4.10 0.41
CA LEU B 230 -4.58 4.35 0.34
C LEU B 230 -5.00 4.29 -1.11
N LEU B 231 -6.26 3.97 -1.35
CA LEU B 231 -6.77 3.74 -2.71
C LEU B 231 -7.80 4.82 -3.09
N SER B 232 -7.65 5.29 -4.32
CA SER B 232 -8.49 6.39 -4.89
C SER B 232 -9.76 5.83 -5.52
N ASN B 233 -9.76 4.53 -5.82
CA ASN B 233 -10.93 3.85 -6.44
C ASN B 233 -11.97 3.51 -5.37
N VAL B 234 -13.22 3.20 -5.79
CA VAL B 234 -14.24 2.61 -4.91
C VAL B 234 -14.05 1.10 -4.75
N GLU B 235 -14.50 0.61 -3.61
CA GLU B 235 -14.45 -0.83 -3.27
C GLU B 235 -14.92 -1.70 -4.44
N GLY B 236 -14.10 -2.71 -4.75
CA GLY B 236 -14.45 -3.73 -5.73
C GLY B 236 -13.83 -3.42 -7.05
N ASP B 237 -13.57 -2.16 -7.34
CA ASP B 237 -12.79 -1.81 -8.55
C ASP B 237 -11.31 -2.12 -8.34
N ASN B 238 -10.59 -2.13 -9.44
CA ASN B 238 -9.14 -2.39 -9.46
C ASN B 238 -8.45 -1.31 -8.60
N ALA B 239 -7.59 -1.76 -7.69
CA ALA B 239 -6.96 -0.89 -6.68
C ALA B 239 -6.02 0.10 -7.38
N VAL B 240 -6.20 1.41 -7.13
CA VAL B 240 -5.38 2.50 -7.72
C VAL B 240 -4.81 3.36 -6.58
N PRO B 241 -3.53 3.19 -6.21
CA PRO B 241 -2.96 3.93 -5.08
C PRO B 241 -3.00 5.45 -5.24
N MET B 242 -3.18 6.13 -4.11
CA MET B 242 -3.11 7.62 -3.99
C MET B 242 -1.65 8.05 -3.98
N GLN B 243 -1.03 8.22 -5.14
CA GLN B 243 0.42 8.42 -5.26
C GLN B 243 0.82 9.81 -4.72
N HIS B 244 0.01 10.84 -4.99
CA HIS B 244 0.39 12.24 -4.71
C HIS B 244 -0.83 13.14 -4.68
N ASN B 245 -0.73 14.25 -3.95
CA ASN B 245 -1.88 15.18 -3.85
C ASN B 245 -1.41 16.56 -3.41
N ASN B 246 -0.20 16.96 -3.81
CA ASN B 246 0.35 18.30 -3.51
C ASN B 246 0.21 19.20 -4.72
N ARG B 247 -0.40 20.35 -4.54
CA ARG B 247 -0.52 21.37 -5.61
C ARG B 247 0.80 22.09 -5.72
N PRO B 248 1.29 22.44 -6.94
CA PRO B 248 2.48 23.26 -7.08
C PRO B 248 2.32 24.63 -6.43
N THR B 249 3.42 25.28 -6.10
CA THR B 249 3.44 26.66 -5.59
C THR B 249 2.93 27.63 -6.66
N GLN B 250 2.26 28.66 -6.21
CA GLN B 250 1.54 29.66 -7.03
C GLN B 250 2.20 31.00 -6.82
N PRO B 251 2.07 31.94 -7.79
CA PRO B 251 2.78 33.19 -7.66
C PRO B 251 2.20 34.07 -6.56
N LEU B 252 3.10 34.73 -5.87
CA LEU B 252 2.78 35.57 -4.72
C LEU B 252 1.95 36.80 -5.18
N LYS B 253 2.18 37.30 -6.40
CA LYS B 253 1.41 38.43 -6.97
C LYS B 253 1.33 39.59 -6.00
N GLY B 254 2.47 39.94 -5.43
CA GLY B 254 2.66 41.16 -4.61
C GLY B 254 2.28 40.94 -3.15
N ARG B 255 1.76 39.77 -2.77
CA ARG B 255 1.45 39.54 -1.32
C ARG B 255 2.76 39.53 -0.52
N THR B 256 2.65 39.82 0.77
CA THR B 256 3.75 39.87 1.74
C THR B 256 3.64 38.65 2.65
N VAL B 257 4.72 37.90 2.77
CA VAL B 257 4.77 36.87 3.85
C VAL B 257 5.33 37.51 5.10
N ARG B 258 4.56 37.51 6.20
CA ARG B 258 4.97 38.09 7.49
C ARG B 258 5.59 36.99 8.35
N ALA B 259 6.61 37.31 9.11
CA ALA B 259 7.24 36.42 10.10
C ALA B 259 6.91 36.85 11.53
N SER B 260 6.67 35.90 12.43
CA SER B 260 6.45 36.16 13.86
C SER B 260 7.78 36.33 14.60
N PHE B 261 8.87 35.98 13.94
CA PHE B 261 10.19 35.78 14.56
C PHE B 261 11.21 36.51 13.67
ZN ZN C . 5.66 -19.72 -6.60
S DMS D . 20.26 -24.48 -3.43
O DMS D . 20.43 -25.37 -4.65
C1 DMS D . 19.09 -25.26 -2.36
C2 DMS D . 19.31 -23.06 -3.92
N1 IWE E . 10.69 -17.83 -4.99
C1 IWE E . 9.47 -22.79 -4.95
C2 IWE E . 10.49 -22.60 -4.05
C3 IWE E . 11.15 -21.38 -3.94
C4 IWE E . 10.75 -20.31 -4.78
C5 IWE E . 11.33 -18.95 -4.67
C6 IWE E . 9.72 -20.54 -5.70
C7 IWE E . 12.69 -22.23 -2.12
O1 IWE E . 8.24 -22.57 -8.12
C8 IWE E . 13.60 -23.14 -2.86
C9 IWE E . 15.53 -24.20 -4.03
C10 IWE E . 14.57 -25.06 -3.63
N3 IWE E . 12.59 -17.32 -4.04
C11 IWE E . 13.47 -24.45 -2.98
N2 IWE E . 11.50 -16.86 -4.59
CL IWE E . 8.88 -24.39 -5.12
N4 IWE E . 12.50 -18.64 -4.05
C IWE E . 9.06 -21.75 -5.80
S IWE E . 7.72 -21.87 -6.96
N IWE E . 7.35 -20.40 -7.36
O IWE E . 6.67 -22.51 -6.23
N5 IWE E . 12.14 -21.19 -2.97
S1 IWE E . 15.10 -22.64 -3.60
ZN ZN F . -4.44 20.74 2.61
N1 IWE G . -9.25 19.06 0.16
C1 IWE G . -9.04 23.02 3.30
C2 IWE G . -10.32 22.55 3.33
C3 IWE G . -10.74 21.52 2.50
C4 IWE G . -9.80 20.97 1.61
C5 IWE G . -10.14 19.88 0.68
C6 IWE G . -8.50 21.49 1.57
C7 IWE G . -13.05 21.50 3.52
O1 IWE G . -5.91 23.05 3.74
C8 IWE G . -13.79 22.55 2.77
C9 IWE G . -14.82 24.54 1.87
C10 IWE G . -14.79 23.56 0.96
N3 IWE G . -11.30 18.43 -0.35
C11 IWE G . -14.24 22.46 1.43
N2 IWE G . -10.01 18.17 -0.47
CL IWE G . -8.71 24.39 4.30
N4 IWE G . -11.40 19.53 0.37
C IWE G . -8.08 22.50 2.44
S IWE G . -6.39 23.02 2.40
N IWE G . -5.57 21.95 1.59
O IWE G . -6.36 24.32 1.69
N5 IWE G . -12.03 21.00 2.62
S1 IWE G . -14.15 24.08 3.37
#